data_4Y2S
#
_entry.id   4Y2S
#
_cell.length_a   92.739
_cell.length_b   92.739
_cell.length_c   244.196
_cell.angle_alpha   90.00
_cell.angle_beta   90.00
_cell.angle_gamma   120.00
#
_symmetry.space_group_name_H-M   'P 65 2 2'
#
loop_
_entity.id
_entity.type
_entity.pdbx_description
1 polymer 'Bifunctional epoxide hydrolase 2'
2 non-polymer 'MAGNESIUM ION'
3 non-polymer 1-[3-(trifluoromethyl)phenyl]-1H-pyrazol-4-ol
4 water water
#
_entity_poly.entity_id   1
_entity_poly.type   'polypeptide(L)'
_entity_poly.pdbx_seq_one_letter_code
;MTLRAAVFDLDGVLALPAVFGVLGRTEEALALPRGLLNDAFQKGGPEGATTRLMKGEITLSQWIPLMEENCRKCSETAKV
CLPKNFSIKEIFDKAISARKINRPMLQAALMLRKKGFTTAILTNTWLDDRAERDGLAQLMCELKMHFDFLIESCQVGMVK
PEPQIYKFLLDTLKASPSEVVFLDDIGANLKPARDLGMVTILVQDTDTALKELEKVTGIQLLNTPAPLPTSCNPSDMSHG
YVTVKPRVRLHFVELGSGPAVCLCHGFPESWYSWRYQIPALAQAGYRVLAMDMKGYGESSAPPEIEEYCMEVLCKEMVTF
LDKLGLSQAVFIGHDWGGMLVWYMALFYPERVRAVASLNTPFIPANPNMSPLESIKANPVFDYQLYFQEPGVAEAELEQN
LSRTFKSLFRASDESVLSMHKVCEAGGLFVNSPEEPSLSRMVTEEEIQFYVQQFKKSGFRGPLNWYRNMERNWKWACKSL
GRKILIPALMVTAEKDFVLVPQMSQHMEDWIPHLKRGHIEDCGHWTQMDKPTEVNQILIKWLDSDARNPPVVSKMHHHHH
H
;
_entity_poly.pdbx_strand_id   A
#
loop_
_chem_comp.id
_chem_comp.type
_chem_comp.name
_chem_comp.formula
49P non-polymer 1-[3-(trifluoromethyl)phenyl]-1H-pyrazol-4-ol 'C10 H7 F3 N2 O'
MG non-polymer 'MAGNESIUM ION' 'Mg 2'
#
# COMPACT_ATOMS: atom_id res chain seq x y z
N THR A 2 9.14 -9.83 29.84
CA THR A 2 10.61 -9.54 29.90
C THR A 2 11.30 -9.02 28.58
N LEU A 3 11.18 -9.78 27.48
CA LEU A 3 11.66 -9.31 26.17
C LEU A 3 10.78 -8.19 25.66
N ARG A 4 11.42 -7.11 25.22
CA ARG A 4 10.69 -5.92 24.80
C ARG A 4 11.17 -5.49 23.39
N ALA A 5 12.17 -6.17 22.87
CA ALA A 5 12.75 -5.73 21.61
C ALA A 5 13.27 -6.86 20.74
N ALA A 6 13.12 -6.74 19.44
CA ALA A 6 13.69 -7.73 18.54
C ALA A 6 14.48 -7.02 17.47
N VAL A 7 15.66 -7.58 17.18
CA VAL A 7 16.62 -6.96 16.26
C VAL A 7 16.90 -8.01 15.21
N PHE A 8 16.84 -7.64 13.94
CA PHE A 8 17.05 -8.55 12.83
C PHE A 8 18.18 -8.08 11.96
N ASP A 9 18.97 -9.02 11.47
CA ASP A 9 19.93 -8.68 10.43
C ASP A 9 19.19 -8.61 9.06
N LEU A 10 19.80 -7.96 8.08
CA LEU A 10 19.24 -7.90 6.74
C LEU A 10 19.69 -9.13 5.93
N ASP A 11 20.95 -9.18 5.53
CA ASP A 11 21.44 -10.35 4.78
C ASP A 11 21.29 -11.66 5.56
N GLY A 12 20.58 -12.64 4.98
CA GLY A 12 20.45 -13.96 5.56
C GLY A 12 19.34 -14.03 6.60
N VAL A 13 18.72 -12.91 6.95
CA VAL A 13 17.70 -12.96 7.97
C VAL A 13 16.44 -12.35 7.41
N LEU A 14 16.40 -11.03 7.21
CA LEU A 14 15.23 -10.37 6.57
C LEU A 14 15.17 -10.48 5.01
N ALA A 15 16.32 -10.82 4.41
CA ALA A 15 16.51 -10.88 2.97
C ALA A 15 17.29 -12.15 2.56
N LEU A 16 16.83 -12.80 1.49
CA LEU A 16 17.36 -14.08 1.02
C LEU A 16 17.33 -14.14 -0.50
N PRO A 17 18.30 -14.88 -1.13
CA PRO A 17 19.45 -15.50 -0.49
C PRO A 17 20.45 -14.44 -0.05
N ALA A 18 21.29 -14.73 0.96
CA ALA A 18 22.38 -13.85 1.40
C ALA A 18 23.45 -13.61 0.34
N VAL A 19 24.00 -12.39 0.27
CA VAL A 19 25.13 -12.13 -0.68
C VAL A 19 26.46 -12.87 -0.39
N PHE A 20 26.83 -13.07 0.88
CA PHE A 20 27.93 -14.01 1.23
C PHE A 20 27.77 -15.37 0.52
N GLY A 21 26.52 -15.80 0.36
CA GLY A 21 26.22 -17.12 -0.17
C GLY A 21 26.65 -17.19 -1.61
N VAL A 22 26.74 -16.01 -2.23
CA VAL A 22 27.07 -15.90 -3.63
C VAL A 22 28.56 -16.12 -3.88
N LEU A 23 29.37 -15.79 -2.90
CA LEU A 23 30.77 -16.20 -2.94
C LEU A 23 30.86 -17.73 -3.02
N GLY A 24 30.13 -18.45 -2.15
CA GLY A 24 30.16 -19.93 -2.10
C GLY A 24 29.73 -20.59 -3.40
N ARG A 25 28.57 -20.15 -3.90
CA ARG A 25 27.99 -20.62 -5.16
C ARG A 25 28.85 -20.36 -6.39
N THR A 26 29.38 -19.16 -6.46
CA THR A 26 30.28 -18.79 -7.56
C THR A 26 31.50 -19.72 -7.61
N GLU A 27 32.22 -19.83 -6.49
CA GLU A 27 33.28 -20.85 -6.33
C GLU A 27 32.81 -22.21 -6.86
N GLU A 28 31.65 -22.69 -6.40
CA GLU A 28 31.09 -23.98 -6.87
C GLU A 28 30.76 -24.01 -8.36
N ALA A 29 29.95 -23.06 -8.84
CA ALA A 29 29.63 -22.88 -10.28
C ALA A 29 30.88 -22.88 -11.17
N LEU A 30 31.94 -22.24 -10.69
CA LEU A 30 33.14 -22.03 -11.49
C LEU A 30 34.25 -23.03 -11.21
N ALA A 31 33.99 -24.02 -10.35
CA ALA A 31 35.08 -24.98 -10.00
C ALA A 31 36.34 -24.25 -9.42
N LEU A 32 36.14 -23.20 -8.64
CA LEU A 32 37.29 -22.57 -7.98
C LEU A 32 37.64 -23.32 -6.68
N PRO A 33 38.89 -23.18 -6.15
CA PRO A 33 39.21 -23.70 -4.82
C PRO A 33 38.17 -23.25 -3.76
N ARG A 34 37.68 -24.19 -2.96
CA ARG A 34 36.66 -23.91 -1.95
C ARG A 34 37.18 -22.78 -1.05
N GLY A 35 36.31 -21.77 -0.84
CA GLY A 35 36.63 -20.67 0.04
C GLY A 35 37.57 -19.60 -0.53
N LEU A 36 37.97 -19.73 -1.81
CA LEU A 36 38.88 -18.72 -2.41
C LEU A 36 38.24 -17.28 -2.40
N LEU A 37 36.98 -17.19 -2.81
CA LEU A 37 36.24 -15.93 -2.85
C LEU A 37 35.95 -15.42 -1.45
N ASN A 38 35.60 -16.29 -0.51
CA ASN A 38 35.50 -15.84 0.87
C ASN A 38 36.80 -15.35 1.45
N ASP A 39 37.91 -15.99 1.14
CA ASP A 39 39.22 -15.48 1.59
C ASP A 39 39.49 -14.08 1.06
N ALA A 40 39.24 -13.86 -0.23
CA ALA A 40 39.48 -12.56 -0.86
C ALA A 40 38.56 -11.51 -0.22
N PHE A 41 37.28 -11.81 -0.08
CA PHE A 41 36.34 -10.91 0.59
C PHE A 41 36.86 -10.51 1.98
N GLN A 42 37.35 -11.48 2.76
CA GLN A 42 37.72 -11.20 4.16
C GLN A 42 39.18 -10.76 4.32
N LYS A 43 39.96 -10.72 3.24
CA LYS A 43 41.37 -10.40 3.35
C LYS A 43 41.71 -9.11 4.14
N GLY A 44 42.67 -9.22 5.07
CA GLY A 44 43.13 -8.09 5.87
C GLY A 44 42.30 -7.93 7.13
N GLY A 45 41.25 -8.75 7.27
CA GLY A 45 40.33 -8.64 8.43
C GLY A 45 39.98 -7.19 8.78
N PRO A 46 40.10 -6.81 10.08
CA PRO A 46 39.69 -5.44 10.50
C PRO A 46 40.35 -4.28 9.74
N GLU A 47 41.48 -4.52 9.09
CA GLU A 47 42.13 -3.47 8.27
C GLU A 47 41.93 -3.65 6.76
N GLY A 48 41.17 -4.67 6.36
CA GLY A 48 41.06 -4.95 4.92
C GLY A 48 40.05 -4.07 4.20
N ALA A 49 40.03 -4.17 2.88
CA ALA A 49 39.07 -3.40 2.08
C ALA A 49 37.61 -3.61 2.52
N THR A 50 37.25 -4.85 2.85
CA THR A 50 35.88 -5.10 3.19
C THR A 50 35.42 -4.32 4.42
N THR A 51 36.24 -4.24 5.45
CA THR A 51 35.82 -3.47 6.65
C THR A 51 35.68 -1.97 6.41
N ARG A 52 36.58 -1.43 5.62
CA ARG A 52 36.50 -0.01 5.29
C ARG A 52 35.19 0.26 4.50
N LEU A 53 34.80 -0.67 3.63
CA LEU A 53 33.53 -0.59 2.95
C LEU A 53 32.36 -0.59 3.97
N MET A 54 32.38 -1.52 4.91
CA MET A 54 31.24 -1.74 5.82
C MET A 54 31.14 -0.59 6.86
N LYS A 55 32.28 -0.02 7.20
CA LYS A 55 32.36 1.21 8.01
C LYS A 55 32.05 2.55 7.28
N GLY A 56 31.91 2.52 5.95
CA GLY A 56 31.51 3.69 5.20
C GLY A 56 32.70 4.55 4.80
N GLU A 57 33.92 4.02 4.93
CA GLU A 57 35.12 4.78 4.54
C GLU A 57 35.23 4.93 3.05
N ILE A 58 34.89 3.88 2.33
CA ILE A 58 34.94 3.90 0.86
C ILE A 58 33.57 3.42 0.35
N THR A 59 33.25 3.67 -0.92
CA THR A 59 31.99 3.19 -1.49
C THR A 59 32.12 1.86 -2.19
N LEU A 60 30.96 1.26 -2.51
CA LEU A 60 30.96 -0.03 -3.15
C LEU A 60 31.79 0.01 -4.42
N SER A 61 31.64 1.05 -5.25
CA SER A 61 32.37 1.06 -6.54
C SER A 61 33.85 1.20 -6.35
N GLN A 62 34.27 1.84 -5.27
CA GLN A 62 35.69 1.93 -4.93
C GLN A 62 36.19 0.55 -4.44
N TRP A 63 35.32 -0.22 -3.79
CA TRP A 63 35.70 -1.50 -3.19
C TRP A 63 35.92 -2.57 -4.28
N ILE A 64 35.10 -2.53 -5.32
CA ILE A 64 35.12 -3.52 -6.37
C ILE A 64 36.54 -3.87 -6.88
N PRO A 65 37.29 -2.88 -7.39
CA PRO A 65 38.62 -3.28 -7.83
C PRO A 65 39.60 -3.66 -6.70
N LEU A 66 39.34 -3.30 -5.43
CA LEU A 66 40.13 -3.84 -4.31
C LEU A 66 39.89 -5.32 -4.07
N MET A 67 38.62 -5.73 -4.06
CA MET A 67 38.24 -7.15 -3.96
C MET A 67 38.84 -7.96 -5.10
N GLU A 68 38.89 -7.35 -6.31
CA GLU A 68 39.49 -7.95 -7.50
C GLU A 68 40.97 -8.26 -7.32
N GLU A 69 41.67 -7.25 -6.81
CA GLU A 69 43.06 -7.39 -6.45
C GLU A 69 43.16 -8.56 -5.47
N ASN A 70 42.45 -8.50 -4.34
CA ASN A 70 42.39 -9.61 -3.38
C ASN A 70 42.16 -11.01 -4.02
N CYS A 71 41.27 -11.10 -5.01
CA CYS A 71 40.96 -12.35 -5.68
C CYS A 71 42.16 -12.85 -6.45
N ARG A 72 42.88 -11.94 -7.12
CA ARG A 72 44.13 -12.23 -7.82
C ARG A 72 45.17 -12.75 -6.78
N LYS A 73 45.44 -11.98 -5.73
CA LYS A 73 46.39 -12.41 -4.70
C LYS A 73 46.09 -13.79 -4.03
N CYS A 74 44.84 -14.01 -3.64
CA CYS A 74 44.39 -15.30 -3.08
C CYS A 74 44.62 -16.48 -4.07
N SER A 75 44.42 -16.23 -5.37
CA SER A 75 44.54 -17.28 -6.40
C SER A 75 45.99 -17.61 -6.79
N GLU A 76 46.89 -16.60 -6.79
CA GLU A 76 48.32 -16.86 -6.95
C GLU A 76 48.86 -17.74 -5.80
N THR A 77 48.52 -17.41 -4.56
CA THR A 77 48.97 -18.17 -3.37
C THR A 77 48.32 -19.61 -3.27
N ALA A 78 47.09 -19.77 -3.77
CA ALA A 78 46.47 -21.11 -3.97
C ALA A 78 47.00 -21.81 -5.25
N LYS A 79 47.88 -21.13 -6.00
CA LYS A 79 48.42 -21.62 -7.29
C LYS A 79 47.32 -22.11 -8.26
N VAL A 80 46.32 -21.25 -8.50
CA VAL A 80 45.28 -21.42 -9.56
C VAL A 80 45.06 -20.10 -10.34
N CYS A 81 44.34 -20.18 -11.46
CA CYS A 81 43.91 -18.96 -12.21
C CYS A 81 42.40 -18.74 -12.14
N LEU A 82 42.00 -17.47 -12.22
CA LEU A 82 40.57 -17.16 -12.34
C LEU A 82 40.14 -17.25 -13.83
N PRO A 83 38.89 -17.69 -14.10
CA PRO A 83 38.39 -17.81 -15.49
C PRO A 83 38.52 -16.51 -16.27
N LYS A 84 38.70 -16.61 -17.59
CA LYS A 84 38.61 -15.43 -18.43
C LYS A 84 37.19 -14.86 -18.25
N ASN A 85 37.10 -13.53 -18.16
CA ASN A 85 35.80 -12.86 -17.93
C ASN A 85 35.35 -12.82 -16.45
N PHE A 86 36.17 -13.33 -15.52
CA PHE A 86 35.82 -13.27 -14.11
C PHE A 86 35.52 -11.84 -13.69
N SER A 87 34.30 -11.63 -13.16
CA SER A 87 33.82 -10.28 -12.89
C SER A 87 33.13 -10.10 -11.54
N ILE A 88 33.81 -9.36 -10.66
CA ILE A 88 33.29 -9.11 -9.34
C ILE A 88 32.06 -8.22 -9.40
N LYS A 89 32.10 -7.21 -10.27
CA LYS A 89 30.95 -6.34 -10.45
C LYS A 89 29.78 -7.22 -10.82
N GLU A 90 30.02 -8.10 -11.79
CA GLU A 90 29.01 -9.01 -12.33
C GLU A 90 28.40 -9.91 -11.25
N ILE A 91 29.29 -10.61 -10.55
CA ILE A 91 28.86 -11.47 -9.46
C ILE A 91 27.99 -10.67 -8.43
N PHE A 92 28.44 -9.47 -8.02
CA PHE A 92 27.67 -8.71 -7.03
C PHE A 92 26.38 -8.10 -7.57
N ASP A 93 26.38 -7.57 -8.80
CA ASP A 93 25.14 -7.11 -9.42
C ASP A 93 24.06 -8.19 -9.31
N LYS A 94 24.40 -9.40 -9.80
CA LYS A 94 23.51 -10.56 -9.85
C LYS A 94 23.05 -10.96 -8.46
N ALA A 95 23.99 -11.09 -7.51
CA ALA A 95 23.66 -11.44 -6.13
C ALA A 95 22.71 -10.41 -5.47
N ILE A 96 22.97 -9.11 -5.69
CA ILE A 96 22.19 -8.10 -4.99
C ILE A 96 20.75 -8.06 -5.58
N SER A 97 20.59 -8.18 -6.90
CA SER A 97 19.20 -8.31 -7.43
C SER A 97 18.52 -9.63 -7.08
N ALA A 98 19.32 -10.68 -6.84
CA ALA A 98 18.70 -11.98 -6.51
C ALA A 98 18.00 -11.88 -5.16
N ARG A 99 18.53 -11.03 -4.29
CA ARG A 99 18.17 -11.08 -2.88
C ARG A 99 16.82 -10.39 -2.64
N LYS A 100 15.88 -11.06 -1.97
CA LYS A 100 14.48 -10.62 -1.88
C LYS A 100 14.15 -10.61 -0.42
N ILE A 101 13.07 -9.92 -0.07
CA ILE A 101 12.57 -9.93 1.30
C ILE A 101 12.13 -11.34 1.65
N ASN A 102 12.53 -11.77 2.82
CA ASN A 102 12.15 -13.05 3.33
C ASN A 102 10.82 -12.85 4.01
N ARG A 103 9.74 -13.15 3.32
CA ARG A 103 8.40 -12.70 3.78
C ARG A 103 8.04 -13.20 5.15
N PRO A 104 8.28 -14.52 5.45
CA PRO A 104 7.86 -14.92 6.84
C PRO A 104 8.66 -14.27 8.00
N MET A 105 9.91 -13.87 7.77
CA MET A 105 10.67 -13.12 8.76
C MET A 105 10.07 -11.72 8.94
N LEU A 106 9.91 -10.97 7.82
CA LEU A 106 9.21 -9.70 7.88
C LEU A 106 7.88 -9.85 8.69
N GLN A 107 7.07 -10.87 8.38
CA GLN A 107 5.73 -10.93 8.99
C GLN A 107 5.85 -11.25 10.48
N ALA A 108 6.83 -12.09 10.87
CA ALA A 108 7.14 -12.19 12.30
C ALA A 108 7.54 -10.86 12.93
N ALA A 109 8.48 -10.15 12.31
CA ALA A 109 8.85 -8.82 12.84
C ALA A 109 7.62 -7.91 13.04
N LEU A 110 6.74 -7.87 12.04
CA LEU A 110 5.47 -7.11 12.05
C LEU A 110 4.55 -7.51 13.22
N MET A 111 4.30 -8.80 13.33
CA MET A 111 3.51 -9.33 14.44
C MET A 111 4.08 -8.88 15.83
N LEU A 112 5.41 -8.96 15.98
CA LEU A 112 6.07 -8.65 17.26
C LEU A 112 5.90 -7.16 17.56
N ARG A 113 6.07 -6.34 16.53
CA ARG A 113 5.84 -4.90 16.67
C ARG A 113 4.38 -4.61 16.98
N LYS A 114 3.48 -5.35 16.35
CA LYS A 114 2.08 -5.28 16.74
C LYS A 114 1.80 -5.67 18.20
N LYS A 115 2.51 -6.62 18.79
CA LYS A 115 2.29 -6.83 20.25
C LYS A 115 3.19 -5.94 21.09
N GLY A 116 3.60 -4.81 20.54
CA GLY A 116 4.29 -3.85 21.36
C GLY A 116 5.80 -3.93 21.44
N PHE A 117 6.46 -4.86 20.72
CA PHE A 117 7.94 -4.88 20.65
C PHE A 117 8.51 -3.66 19.93
N THR A 118 9.71 -3.27 20.33
CA THR A 118 10.44 -2.31 19.56
C THR A 118 11.22 -3.20 18.60
N THR A 119 11.20 -2.87 17.32
CA THR A 119 11.94 -3.66 16.35
C THR A 119 13.04 -2.83 15.62
N ALA A 120 14.13 -3.50 15.28
CA ALA A 120 15.24 -2.83 14.60
C ALA A 120 15.86 -3.75 13.62
N ILE A 121 16.49 -3.14 12.63
CA ILE A 121 17.36 -3.82 11.69
C ILE A 121 18.78 -3.31 12.03
N LEU A 122 19.68 -4.26 12.29
CA LEU A 122 21.08 -3.92 12.47
C LEU A 122 21.82 -4.70 11.38
N THR A 123 22.50 -3.98 10.50
CA THR A 123 23.14 -4.63 9.39
C THR A 123 24.51 -4.08 9.06
N ASN A 124 25.43 -4.97 8.70
CA ASN A 124 26.66 -4.55 8.08
C ASN A 124 26.32 -4.35 6.61
N THR A 125 26.46 -3.11 6.09
CA THR A 125 26.17 -2.86 4.71
C THR A 125 27.05 -1.72 4.20
N TRP A 126 26.82 -1.31 2.95
CA TRP A 126 27.78 -0.48 2.25
C TRP A 126 27.09 0.72 1.59
N LEU A 127 27.87 1.78 1.31
CA LEU A 127 27.42 2.87 0.46
C LEU A 127 27.39 2.44 -1.00
N ASP A 128 26.21 2.35 -1.56
CA ASP A 128 26.05 1.71 -2.88
C ASP A 128 25.88 2.75 -3.98
N ASP A 129 26.91 2.89 -4.83
CA ASP A 129 26.94 3.91 -5.90
C ASP A 129 27.01 3.28 -7.30
N ARG A 130 26.62 2.01 -7.42
CA ARG A 130 26.62 1.27 -8.69
C ARG A 130 25.55 1.85 -9.57
N ALA A 131 25.70 1.70 -10.89
CA ALA A 131 24.63 2.12 -11.81
C ALA A 131 23.29 1.50 -11.35
N GLU A 132 23.33 0.29 -10.81
CA GLU A 132 22.10 -0.44 -10.50
C GLU A 132 21.59 -0.28 -9.03
N ARG A 133 22.18 0.65 -8.25
CA ARG A 133 21.85 0.83 -6.81
C ARG A 133 20.36 0.99 -6.41
N ASP A 134 19.55 1.51 -7.34
CA ASP A 134 18.14 1.70 -7.15
C ASP A 134 17.42 0.45 -6.63
N GLY A 135 17.89 -0.72 -7.08
CA GLY A 135 17.28 -1.99 -6.70
C GLY A 135 17.43 -2.18 -5.21
N LEU A 136 18.63 -1.98 -4.68
CA LEU A 136 18.78 -2.04 -3.24
C LEU A 136 18.06 -0.87 -2.47
N ALA A 137 18.05 0.36 -3.02
CA ALA A 137 17.32 1.47 -2.36
C ALA A 137 15.85 1.04 -2.23
N GLN A 138 15.31 0.37 -3.26
CA GLN A 138 13.92 -0.06 -3.15
C GLN A 138 13.71 -1.10 -2.07
N LEU A 139 14.60 -2.09 -1.97
CA LEU A 139 14.45 -3.12 -0.95
C LEU A 139 14.45 -2.46 0.40
N MET A 140 15.42 -1.57 0.66
CA MET A 140 15.60 -0.95 1.99
C MET A 140 14.40 -0.11 2.35
N CYS A 141 13.87 0.62 1.35
CA CYS A 141 12.59 1.35 1.55
C CYS A 141 11.47 0.48 1.95
N GLU A 142 11.31 -0.64 1.26
CA GLU A 142 10.21 -1.48 1.57
C GLU A 142 10.37 -2.06 2.99
N LEU A 143 11.55 -2.60 3.33
CA LEU A 143 11.79 -3.11 4.70
C LEU A 143 11.67 -2.07 5.83
N LYS A 144 12.30 -0.91 5.67
CA LYS A 144 12.55 -0.04 6.83
C LYS A 144 11.31 0.62 7.38
N MET A 145 10.27 0.78 6.56
CA MET A 145 8.97 1.36 7.02
C MET A 145 8.31 0.46 8.05
N HIS A 146 8.71 -0.82 8.10
CA HIS A 146 8.13 -1.74 9.06
C HIS A 146 8.85 -1.79 10.43
N PHE A 147 9.93 -1.04 10.59
CA PHE A 147 10.73 -1.15 11.83
C PHE A 147 10.93 0.16 12.60
N ASP A 148 11.25 0.08 13.88
CA ASP A 148 11.46 1.31 14.66
C ASP A 148 12.76 1.96 14.31
N PHE A 149 13.80 1.16 14.06
CA PHE A 149 15.11 1.65 13.74
C PHE A 149 15.76 0.77 12.69
N LEU A 150 16.60 1.41 11.90
CA LEU A 150 17.44 0.78 10.94
C LEU A 150 18.85 1.30 11.27
N ILE A 151 19.78 0.41 11.56
CA ILE A 151 21.10 0.85 11.93
C ILE A 151 22.04 0.21 10.92
N GLU A 152 22.80 1.02 10.20
CA GLU A 152 23.63 0.56 9.09
C GLU A 152 25.09 0.81 9.37
N SER A 153 25.89 -0.25 9.32
CA SER A 153 27.28 -0.15 9.67
C SER A 153 27.88 1.03 8.99
N CYS A 154 27.65 1.21 7.68
CA CYS A 154 28.29 2.24 6.95
C CYS A 154 27.79 3.69 7.31
N GLN A 155 26.65 3.83 8.00
CA GLN A 155 26.22 5.16 8.41
C GLN A 155 26.82 5.46 9.77
N VAL A 156 26.89 4.47 10.68
CA VAL A 156 27.42 4.72 12.02
C VAL A 156 28.93 4.49 12.18
N GLY A 157 29.61 3.99 11.16
CA GLY A 157 31.06 3.85 11.21
C GLY A 157 31.58 2.74 12.12
N MET A 158 30.75 1.74 12.42
CA MET A 158 31.05 0.61 13.31
C MET A 158 30.52 -0.65 12.58
N VAL A 159 30.97 -1.84 12.90
CA VAL A 159 30.55 -3.08 12.20
C VAL A 159 30.34 -4.17 13.25
N LYS A 160 29.35 -5.05 13.07
CA LYS A 160 29.42 -6.36 13.77
C LYS A 160 30.73 -7.03 13.29
N PRO A 161 31.47 -7.72 14.18
CA PRO A 161 31.22 -8.00 15.61
C PRO A 161 31.73 -7.00 16.66
N GLU A 162 32.11 -5.79 16.26
CA GLU A 162 32.76 -4.86 17.19
C GLU A 162 31.79 -4.52 18.32
N PRO A 163 32.31 -4.43 19.57
CA PRO A 163 31.31 -4.41 20.68
C PRO A 163 30.59 -3.08 20.84
N GLN A 164 31.22 -2.02 20.34
CA GLN A 164 30.66 -0.69 20.38
C GLN A 164 29.33 -0.58 19.59
N ILE A 165 29.20 -1.30 18.47
CA ILE A 165 27.92 -1.28 17.72
C ILE A 165 26.77 -1.88 18.58
N TYR A 166 27.05 -2.88 19.43
CA TYR A 166 25.97 -3.46 20.29
C TYR A 166 25.61 -2.48 21.37
N LYS A 167 26.61 -1.74 21.87
CA LYS A 167 26.31 -0.68 22.87
C LYS A 167 25.51 0.38 22.17
N PHE A 168 25.89 0.72 20.94
CA PHE A 168 25.11 1.72 20.15
C PHE A 168 23.68 1.23 19.95
N LEU A 169 23.55 -0.03 19.52
CA LEU A 169 22.22 -0.69 19.47
C LEU A 169 21.39 -0.52 20.74
N LEU A 170 21.97 -0.84 21.90
CA LEU A 170 21.24 -0.83 23.18
C LEU A 170 20.77 0.55 23.49
N ASP A 171 21.65 1.51 23.19
CA ASP A 171 21.39 2.89 23.45
C ASP A 171 20.26 3.38 22.55
N THR A 172 20.33 3.11 21.24
CA THR A 172 19.18 3.40 20.33
C THR A 172 17.87 2.78 20.81
N LEU A 173 17.94 1.55 21.30
CA LEU A 173 16.71 0.86 21.72
C LEU A 173 16.17 1.33 23.06
N LYS A 174 17.02 1.98 23.88
CA LYS A 174 16.58 2.37 25.25
C LYS A 174 16.05 1.14 25.96
N ALA A 175 16.85 0.06 25.91
CA ALA A 175 16.51 -1.22 26.52
C ALA A 175 17.74 -1.86 27.12
N SER A 176 17.60 -2.59 28.21
CA SER A 176 18.73 -3.35 28.74
C SER A 176 18.87 -4.61 27.89
N PRO A 177 20.09 -5.18 27.90
CA PRO A 177 20.41 -6.28 27.03
C PRO A 177 19.51 -7.47 27.24
N SER A 178 18.94 -7.62 28.44
CA SER A 178 18.16 -8.81 28.70
C SER A 178 16.73 -8.65 28.19
N GLU A 179 16.37 -7.45 27.77
CA GLU A 179 15.06 -7.25 27.14
C GLU A 179 15.07 -7.48 25.59
N VAL A 180 16.20 -7.96 25.07
CA VAL A 180 16.41 -8.01 23.64
C VAL A 180 16.73 -9.40 23.09
N VAL A 181 16.03 -9.78 22.00
CA VAL A 181 16.40 -10.93 21.19
C VAL A 181 17.01 -10.43 19.87
N PHE A 182 18.13 -11.04 19.48
CA PHE A 182 18.88 -10.60 18.34
C PHE A 182 19.03 -11.81 17.40
N LEU A 183 18.60 -11.68 16.15
CA LEU A 183 18.72 -12.80 15.21
C LEU A 183 19.78 -12.53 14.17
N ASP A 184 20.61 -13.54 13.89
CA ASP A 184 21.69 -13.36 12.92
C ASP A 184 22.03 -14.69 12.28
N ASP A 185 22.50 -14.68 11.05
CA ASP A 185 22.90 -15.94 10.44
C ASP A 185 24.41 -16.26 10.68
N ILE A 186 25.14 -15.34 11.32
CA ILE A 186 26.60 -15.51 11.54
C ILE A 186 26.88 -15.57 13.05
N GLY A 187 27.43 -16.72 13.49
CA GLY A 187 27.48 -16.99 14.95
C GLY A 187 28.42 -15.99 15.61
N ALA A 188 29.48 -15.65 14.91
CA ALA A 188 30.46 -14.69 15.42
C ALA A 188 29.77 -13.33 15.73
N ASN A 189 28.81 -12.96 14.90
CA ASN A 189 28.05 -11.74 15.15
C ASN A 189 27.09 -11.80 16.31
N LEU A 190 26.73 -13.01 16.72
CA LEU A 190 25.81 -13.22 17.84
C LEU A 190 26.54 -13.13 19.16
N LYS A 191 27.77 -13.66 19.18
CA LYS A 191 28.58 -13.72 20.40
C LYS A 191 28.56 -12.42 21.21
N PRO A 192 28.94 -11.28 20.60
CA PRO A 192 28.95 -10.11 21.51
C PRO A 192 27.58 -9.81 22.07
N ALA A 193 26.49 -10.11 21.33
CA ALA A 193 25.13 -9.92 21.90
C ALA A 193 24.94 -10.83 23.08
N ARG A 194 25.30 -12.10 22.90
CA ARG A 194 25.22 -13.09 24.01
C ARG A 194 26.07 -12.65 25.23
N ASP A 195 27.33 -12.23 25.02
CA ASP A 195 28.14 -11.60 26.11
C ASP A 195 27.41 -10.58 26.98
N LEU A 196 26.62 -9.66 26.40
CA LEU A 196 25.82 -8.69 27.23
C LEU A 196 24.58 -9.31 27.87
N GLY A 197 24.33 -10.60 27.57
CA GLY A 197 23.11 -11.30 28.00
C GLY A 197 21.84 -11.06 27.21
N MET A 198 21.97 -10.61 25.97
CA MET A 198 20.82 -10.64 25.02
C MET A 198 20.48 -12.10 24.60
N VAL A 199 19.19 -12.44 24.41
CA VAL A 199 18.77 -13.72 23.80
C VAL A 199 19.23 -13.70 22.34
N THR A 200 19.84 -14.77 21.86
CA THR A 200 20.25 -14.74 20.46
C THR A 200 19.64 -15.92 19.72
N ILE A 201 19.50 -15.78 18.41
CA ILE A 201 19.03 -16.88 17.60
C ILE A 201 19.93 -16.94 16.39
N LEU A 202 20.57 -18.09 16.21
CA LEU A 202 21.37 -18.38 15.05
C LEU A 202 20.37 -18.83 13.99
N VAL A 203 20.19 -18.00 12.95
CA VAL A 203 19.20 -18.23 11.89
C VAL A 203 19.83 -19.02 10.77
N GLN A 204 19.45 -20.30 10.63
CA GLN A 204 19.78 -21.07 9.42
C GLN A 204 18.57 -21.12 8.49
N ASP A 205 17.70 -22.12 8.60
CA ASP A 205 16.38 -21.99 7.92
C ASP A 205 15.48 -21.12 8.80
N THR A 206 14.59 -20.43 8.12
CA THR A 206 13.70 -19.50 8.68
C THR A 206 12.74 -20.12 9.69
N ASP A 207 12.11 -21.26 9.35
CA ASP A 207 11.07 -21.82 10.26
C ASP A 207 11.63 -22.22 11.59
N THR A 208 12.82 -22.82 11.62
CA THR A 208 13.46 -23.15 12.91
C THR A 208 13.74 -21.87 13.73
N ALA A 209 14.38 -20.88 13.10
CA ALA A 209 14.59 -19.55 13.75
C ALA A 209 13.28 -18.95 14.33
N LEU A 210 12.19 -19.03 13.55
CA LEU A 210 10.85 -18.50 14.01
C LEU A 210 10.30 -19.32 15.17
N LYS A 211 10.59 -20.62 15.16
CA LYS A 211 10.14 -21.52 16.22
C LYS A 211 10.82 -21.16 17.50
N GLU A 212 12.14 -21.01 17.42
CA GLU A 212 12.89 -20.49 18.59
C GLU A 212 12.36 -19.10 19.01
N LEU A 213 12.07 -18.23 18.03
CA LEU A 213 11.63 -16.86 18.33
C LEU A 213 10.29 -16.85 19.01
N GLU A 214 9.46 -17.82 18.67
CA GLU A 214 8.12 -17.95 19.24
C GLU A 214 8.23 -18.45 20.66
N LYS A 215 9.08 -19.46 20.87
CA LYS A 215 9.23 -20.04 22.20
C LYS A 215 9.71 -18.97 23.14
N VAL A 216 10.74 -18.25 22.72
CA VAL A 216 11.35 -17.28 23.62
C VAL A 216 10.53 -15.99 23.81
N THR A 217 9.66 -15.60 22.89
CA THR A 217 8.83 -14.40 23.16
C THR A 217 7.44 -14.76 23.66
N GLY A 218 7.05 -16.02 23.46
CA GLY A 218 5.74 -16.53 23.87
C GLY A 218 4.63 -16.00 22.99
N ILE A 219 4.95 -15.50 21.79
CA ILE A 219 3.94 -14.97 20.83
C ILE A 219 3.84 -15.88 19.59
N GLN A 220 2.65 -16.10 19.07
CA GLN A 220 2.61 -16.97 17.93
C GLN A 220 3.00 -16.29 16.63
N LEU A 221 3.97 -16.87 15.94
CA LEU A 221 4.57 -16.26 14.77
C LEU A 221 4.48 -17.15 13.55
N LEU A 222 4.49 -18.46 13.76
CA LEU A 222 4.39 -19.44 12.69
C LEU A 222 2.92 -19.83 12.48
N ASN A 223 2.51 -20.16 11.27
CA ASN A 223 1.15 -20.75 11.05
C ASN A 223 0.01 -19.80 11.44
N THR A 224 0.34 -18.54 11.45
CA THR A 224 -0.55 -17.46 11.89
C THR A 224 -1.51 -17.13 10.75
N PRO A 225 -2.74 -16.66 11.04
CA PRO A 225 -3.49 -16.41 9.78
C PRO A 225 -2.84 -15.28 8.91
N ALA A 226 -3.20 -15.25 7.62
CA ALA A 226 -2.73 -14.21 6.66
C ALA A 226 -3.10 -12.81 7.16
N PRO A 227 -2.12 -11.92 7.24
CA PRO A 227 -2.33 -10.60 7.83
C PRO A 227 -2.99 -9.63 6.80
N LEU A 228 -3.60 -8.55 7.25
CA LEU A 228 -4.08 -7.49 6.33
C LEU A 228 -2.88 -6.87 5.53
N PRO A 229 -3.11 -6.37 4.29
CA PRO A 229 -2.06 -5.55 3.67
C PRO A 229 -1.66 -4.39 4.61
N THR A 230 -0.55 -3.75 4.30
CA THR A 230 -0.09 -2.55 5.02
C THR A 230 -1.20 -1.45 4.93
N SER A 231 -1.46 -0.73 6.00
CA SER A 231 -2.40 0.36 5.99
C SER A 231 -1.61 1.69 5.97
N CYS A 232 -2.24 2.84 6.02
CA CYS A 232 -1.50 4.13 5.99
C CYS A 232 -1.66 4.84 7.29
N ASN A 233 -0.61 5.39 7.86
CA ASN A 233 -0.89 6.34 8.93
C ASN A 233 -1.06 7.79 8.36
N PRO A 234 -2.27 8.44 8.52
CA PRO A 234 -2.51 9.74 7.89
C PRO A 234 -1.37 10.72 8.05
N SER A 235 -0.73 10.77 9.21
CA SER A 235 0.30 11.79 9.42
C SER A 235 1.67 11.38 8.92
N ASP A 236 1.83 10.17 8.38
CA ASP A 236 3.04 9.85 7.67
C ASP A 236 2.96 10.07 6.16
N MET A 237 1.84 10.61 5.68
CA MET A 237 1.63 10.73 4.24
C MET A 237 2.10 12.12 3.74
N SER A 238 2.46 12.20 2.45
CA SER A 238 2.55 13.48 1.80
C SER A 238 1.13 13.88 1.42
N HIS A 239 0.76 15.06 1.92
CA HIS A 239 -0.51 15.71 1.68
C HIS A 239 -0.34 16.78 0.60
N GLY A 240 -1.17 16.68 -0.44
CA GLY A 240 -1.14 17.65 -1.55
C GLY A 240 -2.43 18.43 -1.69
N TYR A 241 -2.31 19.68 -2.17
CA TYR A 241 -3.44 20.61 -2.30
C TYR A 241 -3.34 21.37 -3.59
N VAL A 242 -4.39 21.29 -4.40
CA VAL A 242 -4.40 21.98 -5.69
C VAL A 242 -5.69 22.81 -5.76
N THR A 243 -5.55 24.12 -6.00
CA THR A 243 -6.70 25.01 -6.29
C THR A 243 -7.13 24.83 -7.76
N VAL A 244 -8.30 24.27 -7.97
CA VAL A 244 -8.75 24.04 -9.34
C VAL A 244 -9.63 25.21 -9.85
N LYS A 245 -10.17 26.03 -8.93
CA LYS A 245 -10.82 27.29 -9.28
C LYS A 245 -11.01 28.08 -7.96
N PRO A 246 -11.40 29.37 -8.04
CA PRO A 246 -11.26 30.23 -6.86
C PRO A 246 -11.84 29.72 -5.53
N ARG A 247 -13.01 29.14 -5.50
CA ARG A 247 -13.43 28.61 -4.19
C ARG A 247 -13.19 27.09 -3.98
N VAL A 248 -12.34 26.46 -4.78
CA VAL A 248 -12.26 25.00 -4.75
C VAL A 248 -10.82 24.54 -4.76
N ARG A 249 -10.36 24.05 -3.63
CA ARG A 249 -9.08 23.35 -3.61
C ARG A 249 -9.32 21.83 -3.31
N LEU A 250 -8.59 20.98 -4.03
CA LEU A 250 -8.70 19.57 -3.80
C LEU A 250 -7.46 19.06 -3.02
N HIS A 251 -7.70 18.27 -1.99
CA HIS A 251 -6.67 17.61 -1.20
C HIS A 251 -6.49 16.18 -1.67
N PHE A 252 -5.26 15.65 -1.63
CA PHE A 252 -5.02 14.28 -1.96
C PHE A 252 -3.80 13.87 -1.19
N VAL A 253 -3.60 12.54 -1.08
CA VAL A 253 -2.47 11.94 -0.40
C VAL A 253 -1.73 11.23 -1.54
N GLU A 254 -0.42 11.14 -1.45
CA GLU A 254 0.36 10.80 -2.66
C GLU A 254 1.52 9.91 -2.24
N LEU A 255 1.64 8.76 -2.88
CA LEU A 255 2.72 7.83 -2.51
C LEU A 255 3.20 7.09 -3.75
N GLY A 256 4.51 6.91 -3.88
CA GLY A 256 5.00 6.09 -4.98
C GLY A 256 5.48 6.85 -6.19
N SER A 257 6.16 6.14 -7.10
CA SER A 257 6.55 6.76 -8.40
C SER A 257 6.17 5.79 -9.53
N GLY A 258 6.11 6.32 -10.76
CA GLY A 258 5.72 5.51 -11.92
C GLY A 258 4.42 6.05 -12.46
N PRO A 259 3.66 5.23 -13.23
CA PRO A 259 2.48 5.89 -13.85
C PRO A 259 1.50 6.37 -12.78
N ALA A 260 0.93 7.55 -13.01
CA ALA A 260 0.02 8.22 -12.06
C ALA A 260 -1.34 7.47 -11.96
N VAL A 261 -1.84 7.26 -10.74
CA VAL A 261 -3.06 6.44 -10.56
C VAL A 261 -3.92 7.21 -9.58
N CYS A 262 -5.07 7.67 -10.04
CA CYS A 262 -5.88 8.55 -9.23
C CYS A 262 -7.05 7.76 -8.66
N LEU A 263 -7.14 7.70 -7.34
CA LEU A 263 -8.16 6.94 -6.68
C LEU A 263 -9.31 7.86 -6.20
N CYS A 264 -10.54 7.48 -6.52
CA CYS A 264 -11.69 8.32 -6.32
C CYS A 264 -12.73 7.56 -5.47
N HIS A 265 -12.85 7.94 -4.20
CA HIS A 265 -13.71 7.28 -3.23
C HIS A 265 -15.22 7.55 -3.43
N GLY A 266 -16.04 6.78 -2.72
CA GLY A 266 -17.51 6.95 -2.82
C GLY A 266 -18.14 7.73 -1.66
N PHE A 267 -19.47 7.62 -1.53
CA PHE A 267 -20.19 8.28 -0.46
C PHE A 267 -20.44 7.30 0.73
N PRO A 268 -20.25 7.76 1.97
CA PRO A 268 -19.71 9.03 2.38
C PRO A 268 -18.32 8.72 2.89
N GLU A 269 -17.31 8.84 2.05
CA GLU A 269 -16.04 8.25 2.42
C GLU A 269 -14.88 9.29 2.50
N SER A 270 -13.69 8.99 1.93
CA SER A 270 -12.46 9.72 2.27
C SER A 270 -11.32 9.11 1.43
N TRP A 271 -10.24 9.88 1.23
CA TRP A 271 -9.00 9.28 0.69
C TRP A 271 -8.64 8.01 1.48
N TYR A 272 -8.99 8.00 2.76
CA TYR A 272 -8.54 6.99 3.72
C TYR A 272 -9.25 5.66 3.50
N SER A 273 -10.34 5.71 2.77
CA SER A 273 -10.96 4.49 2.31
C SER A 273 -10.02 3.67 1.42
N TRP A 274 -8.98 4.29 0.86
CA TRP A 274 -8.03 3.52 0.06
C TRP A 274 -6.83 3.09 0.88
N ARG A 275 -6.88 3.25 2.21
CA ARG A 275 -5.66 3.07 3.03
C ARG A 275 -4.94 1.72 2.77
N TYR A 276 -5.68 0.67 2.39
CA TYR A 276 -5.06 -0.61 2.07
C TYR A 276 -4.49 -0.70 0.65
N GLN A 277 -5.03 0.06 -0.29
CA GLN A 277 -4.51 -0.03 -1.66
C GLN A 277 -3.30 0.90 -1.86
N ILE A 278 -3.20 1.99 -1.09
CA ILE A 278 -2.12 2.99 -1.29
C ILE A 278 -0.68 2.45 -1.19
N PRO A 279 -0.29 1.85 -0.05
CA PRO A 279 1.06 1.22 -0.07
C PRO A 279 1.22 0.11 -1.11
N ALA A 280 0.23 -0.77 -1.27
CA ALA A 280 0.39 -1.90 -2.21
C ALA A 280 0.61 -1.42 -3.68
N LEU A 281 -0.17 -0.45 -4.14
CA LEU A 281 -0.04 0.06 -5.54
C LEU A 281 1.26 0.86 -5.76
N ALA A 282 1.68 1.64 -4.75
CA ALA A 282 2.98 2.32 -4.81
C ALA A 282 4.09 1.25 -4.86
N GLN A 283 4.01 0.30 -3.93
CA GLN A 283 4.96 -0.84 -3.94
C GLN A 283 4.96 -1.57 -5.29
N ALA A 284 3.82 -1.65 -5.96
CA ALA A 284 3.79 -2.32 -7.26
C ALA A 284 4.29 -1.48 -8.43
N GLY A 285 4.82 -0.27 -8.18
CA GLY A 285 5.38 0.55 -9.29
C GLY A 285 4.48 1.72 -9.78
N TYR A 286 3.50 2.14 -9.00
CA TYR A 286 2.65 3.29 -9.40
C TYR A 286 2.74 4.52 -8.52
N ARG A 287 2.32 5.67 -9.07
CA ARG A 287 2.29 6.95 -8.34
C ARG A 287 0.85 7.15 -7.96
N VAL A 288 0.56 6.90 -6.68
CA VAL A 288 -0.83 6.90 -6.26
C VAL A 288 -1.25 8.33 -5.84
N LEU A 289 -2.38 8.80 -6.33
CA LEU A 289 -2.95 10.03 -5.83
C LEU A 289 -4.38 9.66 -5.32
N ALA A 290 -4.53 9.64 -3.99
CA ALA A 290 -5.78 9.19 -3.34
C ALA A 290 -6.50 10.46 -2.96
N MET A 291 -7.54 10.80 -3.66
CA MET A 291 -8.23 12.08 -3.41
C MET A 291 -9.13 12.08 -2.16
N ASP A 292 -9.34 13.29 -1.63
CA ASP A 292 -10.63 13.69 -0.98
C ASP A 292 -11.45 14.31 -2.12
N MET A 293 -12.58 13.71 -2.51
CA MET A 293 -13.35 14.25 -3.65
C MET A 293 -14.00 15.53 -3.15
N LYS A 294 -14.38 16.42 -4.05
CA LYS A 294 -15.05 17.65 -3.64
C LYS A 294 -16.21 17.33 -2.68
N GLY A 295 -16.28 18.11 -1.60
CA GLY A 295 -17.28 17.87 -0.58
C GLY A 295 -16.78 17.17 0.68
N TYR A 296 -15.55 16.65 0.66
CA TYR A 296 -15.01 15.78 1.69
C TYR A 296 -13.67 16.19 2.29
N GLY A 297 -13.50 15.90 3.58
CA GLY A 297 -12.16 15.85 4.19
C GLY A 297 -11.55 17.26 4.15
N GLU A 298 -10.29 17.32 3.70
CA GLU A 298 -9.64 18.59 3.51
C GLU A 298 -9.88 19.25 2.14
N SER A 299 -10.73 18.66 1.28
CA SER A 299 -11.14 19.37 0.02
C SER A 299 -12.24 20.37 0.32
N SER A 300 -12.45 21.34 -0.57
CA SER A 300 -13.45 22.38 -0.32
C SER A 300 -14.82 21.75 -0.45
N ALA A 301 -15.80 22.40 0.18
CA ALA A 301 -17.14 21.89 0.22
C ALA A 301 -18.14 22.99 -0.02
N PRO A 302 -18.25 23.54 -1.24
CA PRO A 302 -19.20 24.65 -1.38
C PRO A 302 -20.60 24.09 -1.18
N PRO A 303 -21.55 24.95 -0.73
CA PRO A 303 -22.95 24.56 -0.41
C PRO A 303 -23.84 24.25 -1.59
N GLU A 304 -23.55 24.81 -2.75
CA GLU A 304 -24.55 24.81 -3.84
C GLU A 304 -24.67 23.46 -4.54
N ILE A 305 -25.89 23.01 -4.79
CA ILE A 305 -26.14 21.72 -5.43
C ILE A 305 -25.37 21.50 -6.73
N GLU A 306 -25.39 22.45 -7.65
CA GLU A 306 -24.79 22.34 -9.02
C GLU A 306 -23.30 22.25 -9.01
N GLU A 307 -22.66 22.64 -7.89
CA GLU A 307 -21.23 22.49 -7.76
C GLU A 307 -20.83 21.01 -7.80
N TYR A 308 -21.80 20.09 -7.65
CA TYR A 308 -21.56 18.62 -7.54
C TYR A 308 -22.17 17.77 -8.65
N CYS A 309 -22.57 18.42 -9.76
CA CYS A 309 -23.05 17.70 -10.94
C CYS A 309 -21.79 17.07 -11.59
N MET A 310 -21.94 15.97 -12.32
CA MET A 310 -20.77 15.19 -12.90
C MET A 310 -19.87 16.06 -13.77
N GLU A 311 -20.51 16.86 -14.61
CA GLU A 311 -19.86 17.77 -15.53
C GLU A 311 -18.85 18.65 -14.84
N VAL A 312 -19.28 19.30 -13.77
CA VAL A 312 -18.42 20.22 -13.04
C VAL A 312 -17.33 19.41 -12.34
N LEU A 313 -17.72 18.31 -11.73
CA LEU A 313 -16.82 17.46 -10.98
C LEU A 313 -15.68 16.96 -11.89
N CYS A 314 -16.03 16.51 -13.09
CA CYS A 314 -15.07 15.98 -14.06
C CYS A 314 -14.12 17.05 -14.58
N LYS A 315 -14.69 18.21 -14.94
CA LYS A 315 -13.91 19.33 -15.45
C LYS A 315 -12.91 19.65 -14.38
N GLU A 316 -13.37 19.66 -13.11
CA GLU A 316 -12.43 19.97 -12.02
C GLU A 316 -11.29 18.94 -11.91
N MET A 317 -11.57 17.67 -12.18
CA MET A 317 -10.51 16.60 -12.12
C MET A 317 -9.53 16.80 -13.27
N VAL A 318 -10.04 17.27 -14.42
CA VAL A 318 -9.18 17.62 -15.55
C VAL A 318 -8.23 18.76 -15.17
N THR A 319 -8.78 19.85 -14.65
CA THR A 319 -7.97 20.96 -14.13
C THR A 319 -6.93 20.51 -13.09
N PHE A 320 -7.30 19.51 -12.30
CA PHE A 320 -6.42 19.01 -11.24
C PHE A 320 -5.17 18.36 -11.89
N LEU A 321 -5.39 17.56 -12.94
CA LEU A 321 -4.30 17.06 -13.74
C LEU A 321 -3.48 18.19 -14.46
N ASP A 322 -4.16 19.18 -15.05
CA ASP A 322 -3.46 20.37 -15.63
C ASP A 322 -2.50 21.00 -14.60
N LYS A 323 -2.99 21.38 -13.42
CA LYS A 323 -2.14 22.01 -12.44
C LYS A 323 -0.99 21.14 -11.91
N LEU A 324 -1.17 19.82 -11.84
CA LEU A 324 -0.10 18.91 -11.45
C LEU A 324 0.86 18.66 -12.59
N GLY A 325 0.51 19.10 -13.80
CA GLY A 325 1.35 18.82 -15.01
C GLY A 325 1.22 17.33 -15.44
N LEU A 326 0.03 16.68 -15.26
CA LEU A 326 -0.13 15.26 -15.65
C LEU A 326 -0.93 15.22 -16.92
N SER A 327 -0.40 14.70 -18.01
CA SER A 327 -1.21 14.65 -19.23
C SER A 327 -2.26 13.54 -19.15
N GLN A 328 -1.97 12.49 -18.36
CA GLN A 328 -2.95 11.42 -18.05
C GLN A 328 -2.85 10.91 -16.63
N ALA A 329 -3.89 10.19 -16.22
CA ALA A 329 -3.77 9.33 -15.05
C ALA A 329 -4.67 8.14 -15.32
N VAL A 330 -4.37 7.03 -14.65
CA VAL A 330 -5.32 5.94 -14.48
C VAL A 330 -6.41 6.40 -13.46
N PHE A 331 -7.68 6.18 -13.78
CA PHE A 331 -8.73 6.60 -12.88
C PHE A 331 -9.40 5.35 -12.38
N ILE A 332 -9.38 5.23 -11.07
CA ILE A 332 -10.00 4.13 -10.36
C ILE A 332 -10.98 4.66 -9.34
N GLY A 333 -12.22 4.27 -9.47
CA GLY A 333 -13.29 4.76 -8.59
C GLY A 333 -14.16 3.73 -7.95
N HIS A 334 -14.80 4.09 -6.85
CA HIS A 334 -15.69 3.20 -6.09
C HIS A 334 -16.97 3.96 -5.79
N ASP A 335 -18.12 3.35 -6.08
CA ASP A 335 -19.40 3.99 -5.74
C ASP A 335 -19.51 5.32 -6.53
N TRP A 336 -19.86 6.44 -5.92
CA TRP A 336 -19.85 7.73 -6.71
C TRP A 336 -18.57 7.99 -7.46
N GLY A 337 -17.41 7.70 -6.86
CA GLY A 337 -16.14 7.88 -7.60
C GLY A 337 -16.11 6.94 -8.83
N GLY A 338 -16.77 5.77 -8.72
CA GLY A 338 -16.86 4.84 -9.84
C GLY A 338 -17.59 5.46 -11.01
N MET A 339 -18.73 6.12 -10.73
CA MET A 339 -19.55 6.69 -11.73
C MET A 339 -18.78 7.81 -12.40
N LEU A 340 -18.02 8.53 -11.58
CA LEU A 340 -17.23 9.66 -12.06
C LEU A 340 -16.13 9.22 -13.03
N VAL A 341 -15.46 8.10 -12.75
CA VAL A 341 -14.37 7.68 -13.65
C VAL A 341 -14.93 7.19 -14.98
N TRP A 342 -16.07 6.53 -15.00
CA TRP A 342 -16.67 6.22 -16.28
C TRP A 342 -16.94 7.48 -17.08
N TYR A 343 -17.46 8.54 -16.45
CA TYR A 343 -17.70 9.80 -17.17
C TYR A 343 -16.39 10.46 -17.64
N MET A 344 -15.31 10.31 -16.87
CA MET A 344 -14.00 10.81 -17.32
C MET A 344 -13.56 10.06 -18.60
N ALA A 345 -13.74 8.75 -18.61
CA ALA A 345 -13.39 7.97 -19.77
C ALA A 345 -14.23 8.38 -21.01
N LEU A 346 -15.54 8.63 -20.85
CA LEU A 346 -16.44 9.10 -21.94
C LEU A 346 -16.27 10.52 -22.47
N PHE A 347 -15.85 11.45 -21.61
CA PHE A 347 -15.75 12.85 -21.98
C PHE A 347 -14.32 13.35 -22.09
N TYR A 348 -13.36 12.70 -21.43
CA TYR A 348 -11.90 13.07 -21.51
C TYR A 348 -10.97 11.86 -21.68
N PRO A 349 -11.20 11.00 -22.71
CA PRO A 349 -10.34 9.80 -22.87
C PRO A 349 -8.88 10.14 -23.08
N GLU A 350 -8.58 11.34 -23.58
CA GLU A 350 -7.16 11.74 -23.79
C GLU A 350 -6.43 11.90 -22.44
N ARG A 351 -7.21 12.13 -21.39
CA ARG A 351 -6.66 12.36 -20.03
C ARG A 351 -6.64 11.07 -19.20
N VAL A 352 -7.30 10.01 -19.69
CA VAL A 352 -7.44 8.75 -18.93
C VAL A 352 -6.60 7.63 -19.55
N ARG A 353 -5.57 7.19 -18.84
CA ARG A 353 -4.68 6.12 -19.27
C ARG A 353 -5.47 4.81 -19.29
N ALA A 354 -6.38 4.64 -18.33
CA ALA A 354 -7.12 3.40 -18.09
C ALA A 354 -8.19 3.73 -17.04
N VAL A 355 -9.30 3.05 -17.08
CA VAL A 355 -10.36 3.35 -16.14
C VAL A 355 -10.78 2.06 -15.44
N ALA A 356 -10.93 2.12 -14.12
CA ALA A 356 -11.50 0.99 -13.42
C ALA A 356 -12.54 1.43 -12.38
N SER A 357 -13.60 0.63 -12.20
CA SER A 357 -14.64 0.88 -11.20
C SER A 357 -14.89 -0.35 -10.29
N LEU A 358 -15.04 -0.10 -8.99
CA LEU A 358 -15.35 -1.16 -8.01
C LEU A 358 -16.84 -0.95 -7.78
N ASN A 359 -17.65 -2.00 -7.94
CA ASN A 359 -19.14 -2.00 -7.65
C ASN A 359 -19.99 -1.20 -8.62
N THR A 360 -19.59 0.01 -8.97
CA THR A 360 -20.41 0.86 -9.86
C THR A 360 -20.31 0.47 -11.32
N PRO A 361 -21.42 0.01 -11.90
CA PRO A 361 -21.41 -0.36 -13.30
C PRO A 361 -21.54 0.87 -14.20
N PHE A 362 -21.22 0.76 -15.49
CA PHE A 362 -21.54 1.82 -16.45
C PHE A 362 -22.91 1.47 -17.08
N ILE A 363 -23.90 2.34 -16.86
CA ILE A 363 -25.21 2.19 -17.47
C ILE A 363 -25.51 3.47 -18.21
N PRO A 364 -25.64 3.39 -19.51
CA PRO A 364 -25.95 4.60 -20.29
C PRO A 364 -27.24 5.23 -19.85
N ALA A 365 -27.35 6.57 -19.87
CA ALA A 365 -28.58 7.25 -19.53
C ALA A 365 -29.70 6.76 -20.46
N ASN A 366 -30.92 6.60 -19.96
CA ASN A 366 -32.05 6.24 -20.84
C ASN A 366 -32.66 7.51 -21.39
N PRO A 367 -32.50 7.80 -22.69
CA PRO A 367 -32.99 9.12 -23.13
C PRO A 367 -34.51 9.23 -23.06
N ASN A 368 -35.21 8.12 -22.85
CA ASN A 368 -36.68 8.12 -22.85
C ASN A 368 -37.32 8.05 -21.49
N MET A 369 -36.58 8.29 -20.42
CA MET A 369 -37.10 8.10 -19.07
C MET A 369 -36.36 9.03 -18.16
N SER A 370 -37.13 9.74 -17.34
CA SER A 370 -36.52 10.64 -16.39
C SER A 370 -35.72 9.80 -15.41
N PRO A 371 -34.56 10.31 -15.03
CA PRO A 371 -33.71 9.61 -14.04
C PRO A 371 -34.43 9.34 -12.68
N LEU A 372 -35.17 10.31 -12.15
CA LEU A 372 -36.04 10.08 -10.97
C LEU A 372 -36.92 8.84 -11.12
N GLU A 373 -37.54 8.65 -12.29
CA GLU A 373 -38.40 7.49 -12.47
C GLU A 373 -37.58 6.22 -12.51
N SER A 374 -36.44 6.28 -13.21
CA SER A 374 -35.54 5.14 -13.29
C SER A 374 -35.21 4.72 -11.87
N ILE A 375 -34.84 5.67 -11.02
CA ILE A 375 -34.53 5.38 -9.58
C ILE A 375 -35.73 4.83 -8.80
N LYS A 376 -36.93 5.37 -9.06
CA LYS A 376 -38.17 4.83 -8.46
C LYS A 376 -38.49 3.39 -8.90
N ALA A 377 -37.92 2.91 -10.00
CA ALA A 377 -38.18 1.55 -10.47
C ALA A 377 -37.40 0.46 -9.70
N ASN A 378 -36.56 0.84 -8.75
CA ASN A 378 -35.73 -0.15 -8.07
C ASN A 378 -35.73 0.06 -6.57
N PRO A 379 -36.48 -0.79 -5.84
CA PRO A 379 -36.72 -0.59 -4.38
C PRO A 379 -35.42 -0.28 -3.62
N VAL A 380 -34.32 -0.88 -4.05
CA VAL A 380 -33.08 -0.74 -3.33
C VAL A 380 -32.37 0.62 -3.50
N PHE A 381 -32.79 1.45 -4.48
CA PHE A 381 -32.30 2.82 -4.63
C PHE A 381 -33.14 3.85 -3.88
N ASP A 382 -34.06 3.41 -3.04
CA ASP A 382 -34.99 4.32 -2.33
C ASP A 382 -34.16 5.30 -1.44
N TYR A 383 -33.07 4.79 -0.86
CA TYR A 383 -32.18 5.68 -0.09
C TYR A 383 -31.76 6.94 -0.90
N GLN A 384 -31.67 6.81 -2.23
CA GLN A 384 -31.40 7.98 -3.08
C GLN A 384 -32.53 9.03 -3.11
N LEU A 385 -33.78 8.59 -3.08
CA LEU A 385 -34.88 9.55 -2.99
C LEU A 385 -34.83 10.22 -1.63
N TYR A 386 -34.58 9.43 -0.60
CA TYR A 386 -34.46 10.01 0.75
C TYR A 386 -33.42 11.14 0.80
N PHE A 387 -32.38 11.06 -0.04
CA PHE A 387 -31.28 12.01 0.00
C PHE A 387 -31.60 13.30 -0.72
N GLN A 388 -32.76 13.36 -1.40
CA GLN A 388 -33.06 14.50 -2.30
C GLN A 388 -33.33 15.82 -1.61
N GLU A 389 -34.19 15.80 -0.60
CA GLU A 389 -34.66 17.00 0.09
C GLU A 389 -33.54 17.68 0.88
N PRO A 390 -33.13 18.90 0.46
CA PRO A 390 -31.96 19.36 1.26
C PRO A 390 -32.26 19.51 2.77
N GLY A 391 -31.35 19.02 3.61
CA GLY A 391 -31.45 19.12 5.09
C GLY A 391 -31.92 17.87 5.77
N VAL A 392 -32.80 17.12 5.14
CA VAL A 392 -33.32 15.93 5.82
C VAL A 392 -32.24 14.91 6.12
N ALA A 393 -31.50 14.43 5.11
CA ALA A 393 -30.46 13.43 5.36
C ALA A 393 -29.31 14.07 6.17
N GLU A 394 -29.00 15.35 5.92
CA GLU A 394 -27.92 16.02 6.66
C GLU A 394 -28.10 15.87 8.20
N ALA A 395 -29.32 16.11 8.66
CA ALA A 395 -29.67 16.11 10.09
C ALA A 395 -29.52 14.73 10.66
N GLU A 396 -30.04 13.71 9.97
CA GLU A 396 -29.82 12.37 10.47
C GLU A 396 -28.32 11.99 10.45
N LEU A 397 -27.63 12.31 9.38
CA LEU A 397 -26.25 11.76 9.26
C LEU A 397 -25.27 12.47 10.15
N GLU A 398 -25.48 13.76 10.33
CA GLU A 398 -24.65 14.59 11.27
C GLU A 398 -25.01 14.45 12.73
N GLN A 399 -26.11 13.79 13.03
CA GLN A 399 -26.56 13.92 14.40
C GLN A 399 -25.58 13.23 15.32
N ASN A 400 -25.05 12.11 14.87
CA ASN A 400 -24.12 11.38 15.70
C ASN A 400 -23.18 10.66 14.76
N LEU A 401 -21.97 11.18 14.59
CA LEU A 401 -21.07 10.75 13.51
C LEU A 401 -20.52 9.36 13.70
N SER A 402 -20.12 9.09 14.93
CA SER A 402 -19.66 7.77 15.29
C SER A 402 -20.74 6.73 14.90
N ARG A 403 -21.99 6.97 15.29
CA ARG A 403 -23.03 6.00 15.04
C ARG A 403 -23.24 5.86 13.50
N THR A 404 -23.17 7.01 12.81
CA THR A 404 -23.27 7.00 11.36
C THR A 404 -22.26 6.03 10.68
N PHE A 405 -20.96 6.21 10.90
CA PHE A 405 -19.97 5.39 10.20
C PHE A 405 -19.95 4.00 10.74
N LYS A 406 -20.18 3.87 12.05
CA LYS A 406 -20.31 2.53 12.59
C LYS A 406 -21.51 1.76 12.04
N SER A 407 -22.65 2.42 11.82
CA SER A 407 -23.80 1.78 11.18
C SER A 407 -23.58 1.43 9.69
N LEU A 408 -22.97 2.35 8.93
CA LEU A 408 -22.70 2.22 7.49
C LEU A 408 -21.56 1.25 7.19
N PHE A 409 -20.39 1.44 7.80
CA PHE A 409 -19.27 0.59 7.47
C PHE A 409 -19.34 -0.82 8.09
N ARG A 410 -20.06 -1.73 7.43
CA ARG A 410 -20.29 -3.10 7.98
C ARG A 410 -20.11 -4.14 6.87
N ALA A 411 -19.54 -5.31 7.20
CA ALA A 411 -19.46 -6.44 6.25
C ALA A 411 -20.87 -6.98 5.96
N SER A 412 -20.96 -7.81 4.93
CA SER A 412 -22.28 -8.24 4.42
C SER A 412 -23.14 -9.03 5.46
N ASP A 413 -22.49 -9.89 6.24
CA ASP A 413 -23.15 -10.63 7.33
C ASP A 413 -23.29 -9.82 8.67
N GLU A 414 -23.22 -8.48 8.65
CA GLU A 414 -23.21 -7.70 9.91
C GLU A 414 -24.19 -6.54 9.84
N SER A 415 -24.92 -6.45 8.72
CA SER A 415 -25.65 -5.23 8.37
C SER A 415 -26.66 -4.90 9.48
N VAL A 416 -26.92 -3.62 9.72
CA VAL A 416 -27.91 -3.19 10.75
C VAL A 416 -29.02 -2.30 10.16
N LEU A 417 -29.01 -2.13 8.86
CA LEU A 417 -29.94 -1.22 8.20
C LEU A 417 -30.16 -1.75 6.81
N SER A 418 -31.42 -2.02 6.50
CA SER A 418 -31.79 -2.34 5.13
C SER A 418 -31.80 -1.03 4.36
N MET A 419 -31.53 -1.10 3.08
CA MET A 419 -31.69 0.08 2.25
C MET A 419 -33.16 0.07 1.80
N HIS A 420 -34.03 -0.43 2.67
CA HIS A 420 -35.38 -0.81 2.22
C HIS A 420 -36.46 0.15 2.71
N LYS A 421 -37.21 0.72 1.78
CA LYS A 421 -38.23 1.70 2.16
C LYS A 421 -37.72 2.66 3.28
N VAL A 422 -36.66 3.39 2.93
CA VAL A 422 -36.00 4.36 3.79
C VAL A 422 -36.86 5.63 3.99
N CYS A 423 -37.41 6.16 2.89
CA CYS A 423 -38.29 7.33 2.99
C CYS A 423 -39.48 7.01 3.95
N GLU A 424 -40.16 5.89 3.65
CA GLU A 424 -41.37 5.43 4.37
C GLU A 424 -41.09 5.28 5.87
N ALA A 425 -39.96 4.67 6.20
CA ALA A 425 -39.50 4.51 7.58
C ALA A 425 -39.15 5.85 8.24
N GLY A 426 -38.85 6.87 7.43
CA GLY A 426 -38.46 8.15 7.93
C GLY A 426 -36.97 8.34 8.16
N GLY A 427 -36.15 7.40 7.71
CA GLY A 427 -34.69 7.62 7.76
C GLY A 427 -33.85 6.37 7.64
N LEU A 428 -32.54 6.53 7.56
CA LEU A 428 -31.61 5.41 7.29
C LEU A 428 -31.42 4.53 8.52
N PHE A 429 -31.46 5.19 9.69
CA PHE A 429 -31.07 4.56 10.96
C PHE A 429 -32.24 4.35 11.92
N VAL A 430 -33.45 4.60 11.46
CA VAL A 430 -34.59 4.56 12.40
C VAL A 430 -34.73 3.22 13.11
N ASN A 431 -34.16 2.17 12.52
CA ASN A 431 -34.22 0.84 13.11
C ASN A 431 -32.87 0.22 13.34
N SER A 432 -31.89 1.08 13.61
CA SER A 432 -30.56 0.64 14.00
C SER A 432 -30.16 1.13 15.41
N PRO A 433 -29.22 0.42 16.05
CA PRO A 433 -28.94 0.73 17.46
C PRO A 433 -28.33 2.12 17.66
N GLU A 434 -28.35 2.58 18.90
CA GLU A 434 -27.77 3.86 19.28
C GLU A 434 -26.30 3.73 19.24
N GLU A 435 -25.82 2.63 19.79
CA GLU A 435 -24.40 2.34 19.79
C GLU A 435 -24.17 0.99 19.09
N PRO A 436 -23.99 0.98 17.76
CA PRO A 436 -23.69 -0.25 17.04
C PRO A 436 -22.38 -0.87 17.56
N SER A 437 -22.25 -2.18 17.43
CA SER A 437 -20.99 -2.77 17.71
C SER A 437 -20.03 -2.40 16.56
N LEU A 438 -18.73 -2.58 16.77
CA LEU A 438 -17.70 -2.35 15.77
C LEU A 438 -17.69 -3.42 14.69
N SER A 439 -17.73 -3.05 13.44
CA SER A 439 -17.59 -4.04 12.41
C SER A 439 -16.21 -4.69 12.48
N ARG A 440 -16.10 -5.95 12.08
CA ARG A 440 -14.80 -6.61 11.95
C ARG A 440 -13.93 -5.88 10.97
N MET A 441 -14.55 -5.13 10.07
CA MET A 441 -13.75 -4.42 9.06
C MET A 441 -12.98 -3.23 9.56
N VAL A 442 -13.36 -2.64 10.70
CA VAL A 442 -12.80 -1.34 11.13
C VAL A 442 -12.46 -1.26 12.64
N THR A 443 -11.38 -0.55 12.98
CA THR A 443 -11.06 -0.36 14.39
C THR A 443 -11.76 0.93 14.86
N GLU A 444 -11.82 1.10 16.16
CA GLU A 444 -12.38 2.30 16.77
C GLU A 444 -11.59 3.52 16.29
N GLU A 445 -10.27 3.39 16.17
CA GLU A 445 -9.42 4.47 15.71
C GLU A 445 -9.80 4.87 14.30
N GLU A 446 -10.02 3.88 13.44
CA GLU A 446 -10.40 4.18 12.07
C GLU A 446 -11.74 4.90 11.91
N ILE A 447 -12.75 4.51 12.70
CA ILE A 447 -14.03 5.19 12.70
C ILE A 447 -13.77 6.65 13.10
N GLN A 448 -12.95 6.85 14.12
CA GLN A 448 -12.72 8.21 14.63
C GLN A 448 -11.99 9.13 13.60
N PHE A 449 -11.15 8.55 12.75
CA PHE A 449 -10.67 9.29 11.61
C PHE A 449 -11.80 9.78 10.73
N TYR A 450 -12.75 8.93 10.34
CA TYR A 450 -13.87 9.44 9.54
C TYR A 450 -14.66 10.53 10.27
N VAL A 451 -15.01 10.26 11.54
CA VAL A 451 -15.78 11.21 12.37
C VAL A 451 -15.09 12.56 12.27
N GLN A 452 -13.77 12.61 12.50
CA GLN A 452 -13.04 13.88 12.53
C GLN A 452 -13.00 14.56 11.16
N GLN A 453 -12.78 13.78 10.07
CA GLN A 453 -12.91 14.31 8.72
C GLN A 453 -14.31 14.97 8.53
N PHE A 454 -15.38 14.26 8.89
CA PHE A 454 -16.69 14.81 8.64
C PHE A 454 -17.16 15.99 9.54
N LYS A 455 -16.37 16.29 10.56
CA LYS A 455 -16.61 17.45 11.40
C LYS A 455 -16.32 18.76 10.68
N LYS A 456 -15.41 18.74 9.69
CA LYS A 456 -15.11 19.97 8.94
C LYS A 456 -16.33 20.41 8.10
N SER A 457 -16.88 19.58 7.21
CA SER A 457 -17.94 20.12 6.40
C SER A 457 -19.29 19.42 6.50
N GLY A 458 -19.41 18.34 7.30
CA GLY A 458 -20.61 17.53 7.31
C GLY A 458 -21.02 16.93 5.94
N PHE A 459 -22.33 16.74 5.80
CA PHE A 459 -22.90 15.90 4.80
C PHE A 459 -23.56 16.64 3.66
N ARG A 460 -23.55 17.98 3.67
CA ARG A 460 -24.20 18.76 2.59
C ARG A 460 -23.54 18.51 1.19
N GLY A 461 -22.23 18.77 1.12
CA GLY A 461 -21.46 18.50 -0.08
C GLY A 461 -21.56 17.06 -0.57
N PRO A 462 -21.27 16.10 0.31
CA PRO A 462 -21.45 14.68 -0.01
C PRO A 462 -22.86 14.33 -0.55
N LEU A 463 -23.91 14.81 0.11
CA LEU A 463 -25.28 14.49 -0.31
C LEU A 463 -25.58 15.14 -1.60
N ASN A 464 -25.08 16.36 -1.79
CA ASN A 464 -25.23 17.02 -3.11
C ASN A 464 -24.87 16.20 -4.33
N TRP A 465 -23.96 15.24 -4.18
CA TRP A 465 -23.60 14.35 -5.30
C TRP A 465 -24.86 13.63 -5.90
N TYR A 466 -25.90 13.44 -5.05
CA TYR A 466 -27.11 12.70 -5.39
C TYR A 466 -28.21 13.62 -5.85
N ARG A 467 -27.93 14.92 -5.83
CA ARG A 467 -28.94 15.94 -6.11
C ARG A 467 -28.79 16.54 -7.50
N ASN A 468 -28.13 15.86 -8.43
CA ASN A 468 -28.10 16.38 -9.80
C ASN A 468 -28.58 15.30 -10.78
N MET A 469 -29.60 14.52 -10.40
CA MET A 469 -30.08 13.43 -11.26
C MET A 469 -30.36 13.93 -12.72
N GLU A 470 -31.15 14.99 -12.84
CA GLU A 470 -31.57 15.56 -14.12
C GLU A 470 -30.41 16.16 -14.94
N ARG A 471 -29.58 16.94 -14.28
CA ARG A 471 -28.42 17.55 -14.87
C ARG A 471 -27.40 16.53 -15.38
N ASN A 472 -27.09 15.53 -14.56
CA ASN A 472 -26.22 14.45 -14.98
C ASN A 472 -26.82 13.69 -16.15
N TRP A 473 -28.12 13.36 -16.08
CA TRP A 473 -28.84 12.67 -17.18
C TRP A 473 -28.68 13.45 -18.52
N LYS A 474 -29.06 14.74 -18.50
CA LYS A 474 -28.90 15.58 -19.70
C LYS A 474 -27.46 15.52 -20.22
N TRP A 475 -26.47 15.71 -19.35
CA TRP A 475 -25.07 15.66 -19.81
C TRP A 475 -24.75 14.25 -20.34
N ALA A 476 -25.21 13.21 -19.63
CA ALA A 476 -24.88 11.83 -20.07
C ALA A 476 -25.46 11.51 -21.49
N CYS A 477 -26.63 12.09 -21.79
CA CYS A 477 -27.29 11.88 -23.05
C CYS A 477 -26.46 12.33 -24.26
N LYS A 478 -25.59 13.35 -24.08
CA LYS A 478 -24.62 13.72 -25.15
C LYS A 478 -23.60 12.64 -25.50
N SER A 479 -23.47 11.61 -24.65
CA SER A 479 -22.43 10.64 -24.86
C SER A 479 -22.96 9.31 -25.37
N LEU A 480 -24.25 9.23 -25.71
CA LEU A 480 -24.94 7.95 -26.04
C LEU A 480 -24.48 7.32 -27.35
N GLY A 481 -23.93 8.11 -28.29
CA GLY A 481 -23.28 7.47 -29.45
C GLY A 481 -21.85 6.94 -29.24
N ARG A 482 -21.24 7.20 -28.07
CA ARG A 482 -19.84 6.83 -27.94
C ARG A 482 -19.67 5.43 -27.36
N LYS A 483 -18.46 4.90 -27.41
CA LYS A 483 -18.15 3.66 -26.70
C LYS A 483 -16.91 3.97 -25.91
N ILE A 484 -16.69 3.21 -24.85
CA ILE A 484 -15.45 3.28 -24.10
C ILE A 484 -14.51 2.23 -24.66
N LEU A 485 -13.43 2.73 -25.24
CA LEU A 485 -12.56 1.93 -26.07
C LEU A 485 -11.15 2.00 -25.51
N ILE A 486 -10.95 2.77 -24.44
CA ILE A 486 -9.68 2.71 -23.65
C ILE A 486 -9.68 1.51 -22.66
N PRO A 487 -8.53 1.16 -22.08
CA PRO A 487 -8.52 0.00 -21.18
C PRO A 487 -9.38 0.26 -19.93
N ALA A 488 -10.18 -0.74 -19.55
CA ALA A 488 -11.32 -0.60 -18.63
C ALA A 488 -11.50 -1.90 -17.85
N LEU A 489 -11.64 -1.78 -16.55
CA LEU A 489 -11.88 -2.92 -15.63
C LEU A 489 -13.11 -2.66 -14.78
N MET A 490 -13.98 -3.67 -14.67
CA MET A 490 -15.16 -3.57 -13.82
C MET A 490 -15.02 -4.59 -12.72
N VAL A 491 -15.05 -4.17 -11.45
CA VAL A 491 -14.93 -5.16 -10.38
C VAL A 491 -16.24 -5.25 -9.62
N THR A 492 -16.85 -6.42 -9.67
CA THR A 492 -18.14 -6.56 -9.01
C THR A 492 -17.94 -7.23 -7.64
N ALA A 493 -18.89 -6.95 -6.74
CA ALA A 493 -18.81 -7.36 -5.32
C ALA A 493 -20.06 -8.19 -5.06
N GLU A 494 -19.89 -9.49 -4.79
CA GLU A 494 -21.01 -10.44 -4.76
C GLU A 494 -22.18 -9.99 -3.85
N LYS A 495 -21.85 -9.43 -2.70
CA LYS A 495 -22.85 -9.12 -1.68
C LYS A 495 -23.11 -7.66 -1.51
N ASP A 496 -22.76 -6.88 -2.52
CA ASP A 496 -23.24 -5.50 -2.52
C ASP A 496 -24.73 -5.58 -2.94
N PHE A 497 -25.63 -5.23 -2.02
CA PHE A 497 -27.04 -5.45 -2.31
C PHE A 497 -27.70 -4.23 -2.90
N VAL A 498 -26.92 -3.15 -3.08
CA VAL A 498 -27.33 -1.98 -3.86
C VAL A 498 -26.72 -1.98 -5.31
N LEU A 499 -25.38 -2.02 -5.38
CA LEU A 499 -24.69 -2.11 -6.64
C LEU A 499 -24.45 -3.60 -6.97
N VAL A 500 -25.50 -4.32 -7.35
CA VAL A 500 -25.40 -5.76 -7.46
C VAL A 500 -24.64 -6.13 -8.77
N PRO A 501 -23.88 -7.25 -8.77
CA PRO A 501 -23.11 -7.70 -9.94
C PRO A 501 -23.88 -7.76 -11.22
N GLN A 502 -25.11 -8.30 -11.17
CA GLN A 502 -26.00 -8.36 -12.37
C GLN A 502 -26.34 -7.01 -13.01
N MET A 503 -26.33 -5.92 -12.27
CA MET A 503 -26.57 -4.59 -12.87
C MET A 503 -25.45 -4.22 -13.87
N SER A 504 -24.28 -4.87 -13.79
CA SER A 504 -23.19 -4.62 -14.77
C SER A 504 -23.22 -5.51 -16.03
N GLN A 505 -24.19 -6.41 -16.12
CA GLN A 505 -24.20 -7.50 -17.11
C GLN A 505 -24.20 -7.07 -18.56
N HIS A 506 -24.63 -5.85 -18.86
CA HIS A 506 -24.65 -5.41 -20.28
C HIS A 506 -23.48 -4.53 -20.68
N MET A 507 -22.56 -4.33 -19.74
CA MET A 507 -21.49 -3.37 -19.99
C MET A 507 -20.69 -3.62 -21.27
N GLU A 508 -20.49 -4.90 -21.66
CA GLU A 508 -19.77 -5.18 -22.93
C GLU A 508 -20.40 -4.50 -24.15
N ASP A 509 -21.70 -4.21 -24.15
CA ASP A 509 -22.28 -3.48 -25.30
C ASP A 509 -21.64 -2.08 -25.47
N TRP A 510 -21.15 -1.48 -24.37
CA TRP A 510 -20.64 -0.11 -24.41
C TRP A 510 -19.13 -0.10 -24.30
N ILE A 511 -18.60 -1.21 -23.78
CA ILE A 511 -17.16 -1.30 -23.48
C ILE A 511 -16.69 -2.66 -23.95
N PRO A 512 -16.64 -2.86 -25.30
CA PRO A 512 -16.39 -4.21 -25.90
C PRO A 512 -15.18 -4.95 -25.35
N HIS A 513 -14.11 -4.24 -25.02
CA HIS A 513 -12.91 -4.92 -24.49
C HIS A 513 -12.76 -4.87 -23.00
N LEU A 514 -13.82 -4.43 -22.31
CA LEU A 514 -13.88 -4.48 -20.82
C LEU A 514 -13.23 -5.73 -20.23
N LYS A 515 -12.38 -5.56 -19.22
CA LYS A 515 -11.98 -6.65 -18.34
C LYS A 515 -12.72 -6.65 -17.03
N ARG A 516 -12.73 -7.79 -16.35
CA ARG A 516 -13.55 -8.01 -15.15
C ARG A 516 -12.75 -8.59 -13.98
N GLY A 517 -13.14 -8.28 -12.76
CA GLY A 517 -12.78 -9.12 -11.62
C GLY A 517 -14.06 -9.28 -10.80
N HIS A 518 -14.08 -10.22 -9.88
CA HIS A 518 -15.30 -10.42 -9.13
C HIS A 518 -14.82 -10.81 -7.75
N ILE A 519 -15.46 -10.30 -6.70
CA ILE A 519 -15.00 -10.67 -5.37
C ILE A 519 -16.16 -11.26 -4.60
N GLU A 520 -15.98 -12.51 -4.19
CA GLU A 520 -17.03 -13.23 -3.46
C GLU A 520 -16.99 -12.82 -2.02
N ASP A 521 -18.16 -12.90 -1.37
CA ASP A 521 -18.37 -12.59 0.06
C ASP A 521 -17.90 -11.18 0.39
N CYS A 522 -18.17 -10.24 -0.52
CA CYS A 522 -17.71 -8.88 -0.34
C CYS A 522 -18.89 -7.94 -0.46
N GLY A 523 -19.16 -7.16 0.59
CA GLY A 523 -20.28 -6.24 0.60
C GLY A 523 -19.94 -4.94 -0.19
N HIS A 524 -20.64 -3.84 0.15
CA HIS A 524 -20.50 -2.55 -0.49
C HIS A 524 -19.15 -1.84 -0.24
N TRP A 525 -18.52 -2.04 0.91
CA TRP A 525 -17.32 -1.27 1.27
C TRP A 525 -16.10 -2.05 0.79
N THR A 526 -16.02 -2.22 -0.53
CA THR A 526 -15.12 -3.15 -1.17
C THR A 526 -13.68 -3.12 -0.67
N GLN A 527 -13.08 -1.91 -0.59
CA GLN A 527 -11.63 -1.77 -0.38
C GLN A 527 -11.25 -2.25 1.00
N MET A 528 -12.14 -2.05 1.99
CA MET A 528 -11.80 -2.42 3.37
C MET A 528 -12.37 -3.78 3.75
N ASP A 529 -13.36 -4.24 3.01
CA ASP A 529 -14.01 -5.52 3.21
C ASP A 529 -13.03 -6.59 2.71
N LYS A 530 -12.58 -6.49 1.44
CA LYS A 530 -11.66 -7.48 0.82
C LYS A 530 -10.36 -6.88 0.29
N PRO A 531 -9.59 -6.23 1.18
CA PRO A 531 -8.45 -5.40 0.72
C PRO A 531 -7.40 -6.20 -0.05
N THR A 532 -7.11 -7.40 0.44
CA THR A 532 -6.16 -8.30 -0.25
C THR A 532 -6.57 -8.66 -1.71
N GLU A 533 -7.85 -8.92 -1.90
CA GLU A 533 -8.32 -9.35 -3.22
C GLU A 533 -8.38 -8.12 -4.14
N VAL A 534 -8.85 -6.98 -3.63
CA VAL A 534 -8.81 -5.73 -4.40
C VAL A 534 -7.41 -5.43 -4.92
N ASN A 535 -6.45 -5.50 -4.02
CA ASN A 535 -5.05 -5.24 -4.38
C ASN A 535 -4.59 -6.17 -5.47
N GLN A 536 -4.83 -7.47 -5.31
CA GLN A 536 -4.38 -8.42 -6.32
C GLN A 536 -5.04 -8.16 -7.70
N ILE A 537 -6.36 -7.95 -7.73
CA ILE A 537 -7.05 -7.67 -9.00
C ILE A 537 -6.63 -6.31 -9.67
N LEU A 538 -6.49 -5.23 -8.90
CA LEU A 538 -5.99 -3.94 -9.47
C LEU A 538 -4.54 -3.99 -9.99
N ILE A 539 -3.65 -4.62 -9.22
CA ILE A 539 -2.25 -4.62 -9.60
C ILE A 539 -2.07 -5.52 -10.84
N LYS A 540 -2.70 -6.68 -10.86
CA LYS A 540 -2.64 -7.51 -12.09
C LYS A 540 -3.16 -6.72 -13.37
N TRP A 541 -4.35 -6.14 -13.26
CA TRP A 541 -4.89 -5.30 -14.33
C TRP A 541 -4.00 -4.08 -14.66
N LEU A 542 -3.50 -3.39 -13.65
CA LEU A 542 -2.52 -2.30 -13.96
C LEU A 542 -1.29 -2.75 -14.79
N ASP A 543 -0.65 -3.82 -14.36
CA ASP A 543 0.55 -4.30 -15.01
C ASP A 543 0.28 -4.78 -16.41
N SER A 544 -0.88 -5.34 -16.68
CA SER A 544 -1.18 -5.82 -18.01
C SER A 544 -1.77 -4.74 -18.90
N ASP A 545 -2.54 -3.81 -18.34
CA ASP A 545 -3.28 -2.86 -19.17
C ASP A 545 -2.94 -1.38 -19.09
N ALA A 546 -2.10 -0.98 -18.16
CA ALA A 546 -1.93 0.44 -17.90
C ALA A 546 -0.48 0.87 -17.92
N ARG A 547 0.33 -0.01 -18.48
CA ARG A 547 1.76 0.00 -18.26
C ARG A 547 2.43 -0.56 -19.52
MG MG B . 24.26 -11.87 7.94
C16 49P C . -24.31 2.65 -1.34
C15 49P C . -24.53 3.69 -0.47
C14 49P C . -24.46 1.33 -0.91
C9 49P C . -25.02 2.10 1.29
C6 49P C . -24.98 -2.01 2.07
C3 49P C . -25.05 -1.36 -0.08
C8 49P C . -24.88 3.41 0.83
C7 49P C . -24.80 1.07 0.40
C5 49P C . -25.10 -2.49 0.73
C4 49P C . -25.11 4.56 1.74
N2 49P C . -24.86 -0.68 2.09
N1 49P C . -24.91 -0.30 0.79
O13 49P C . -25.25 -3.76 0.30
F10 49P C . -25.54 5.67 1.13
F11 49P C . -26.01 4.30 2.72
F12 49P C . -23.97 4.97 2.32
#